data_7V4W
#
_entry.id   7V4W
#
_cell.length_a   39.557
_cell.length_b   63.370
_cell.length_c   88.681
_cell.angle_alpha   90.000
_cell.angle_beta   97.124
_cell.angle_gamma   90.000
#
_symmetry.space_group_name_H-M   'P 1 21 1'
#
loop_
_entity.id
_entity.type
_entity.pdbx_description
1 polymer '16A Fab Light chain'
2 polymer '16A Fab Heavy chain'
3 polymer 'Mucin-1 subunit alpha'
4 water water
#
loop_
_entity_poly.entity_id
_entity_poly.type
_entity_poly.pdbx_seq_one_letter_code
_entity_poly.pdbx_strand_id
1 'polypeptide(L)'
;QAVVTQESALTTSPGETVTLTCRSSTGAVITSNYANWVQEKPDHLFTGLIGRTYNRVPGVPARFSGSLIGDKAALTITGA
QTEDEAIYFCALWYSNHFVFGGGTKLTVLKRTVAAPSVFIFPPSDEQLKSGTASVVCLLNNFYPREAKVQWKVDNALQSG
NSQESVTEQDSKDSTYSLSSTLTLSKADYEKHKVYACEVTHQGLSSPVTKSFNRGEC
;
A
2 'polypeptide(L)'
;MEVKLHQSGGGLVQPGGFLKISCVVSGIDFSRYWMSWVRRAPGKGLEWIGEITPDSNTINYVPSLKDNFGISRDNAKNTL
FLQMTKVRSEDTALYFCASYYEGFAYWGQGTLVTVSAASTKGPSVFPLAPSSKSTSGGTAALGCLVKDYFPEPVTVSWNS
GALTSGVHTFPAVLQSSGLYSLSSVVTVPSSSLGTQTYICNVNHKPSNTKVDKKVEPKSCDKTENLYFQ
;
B
3 'polypeptide(L)' RPAPGSTAPPAHG C
#
# COMPACT_ATOMS: atom_id res chain seq x y z
N GLN A 1 -0.96 23.98 0.57
CA GLN A 1 -0.50 22.62 0.81
C GLN A 1 -1.30 21.99 1.96
N ALA A 2 -2.63 22.08 1.87
CA ALA A 2 -3.49 21.65 2.96
C ALA A 2 -3.25 20.18 3.29
N VAL A 3 -3.35 19.86 4.58
CA VAL A 3 -3.16 18.51 5.07
C VAL A 3 -4.45 18.11 5.80
N VAL A 4 -4.92 16.90 5.51
CA VAL A 4 -6.15 16.37 6.10
C VAL A 4 -5.74 15.24 7.02
N THR A 5 -6.14 15.34 8.28
CA THR A 5 -5.63 14.46 9.32
C THR A 5 -6.75 13.54 9.83
N GLN A 6 -6.42 12.25 9.91
CA GLN A 6 -7.31 11.23 10.44
C GLN A 6 -6.54 10.41 11.45
N GLU A 7 -7.27 9.74 12.34
CA GLU A 7 -6.67 8.73 13.19
C GLU A 7 -5.99 7.69 12.33
N SER A 8 -4.76 7.31 12.69
CA SER A 8 -4.05 6.31 11.89
C SER A 8 -4.75 4.95 11.95
N ALA A 9 -5.26 4.57 13.12
CA ALA A 9 -5.91 3.29 13.31
C ALA A 9 -6.88 3.37 14.47
N LEU A 10 -7.98 2.63 14.36
CA LEU A 10 -8.96 2.51 15.44
C LEU A 10 -9.45 1.06 15.47
N THR A 11 -9.85 0.61 16.65
CA THR A 11 -10.33 -0.75 16.84
C THR A 11 -11.77 -0.74 17.35
N THR A 12 -12.63 -1.47 16.66
CA THR A 12 -13.97 -1.75 17.18
C THR A 12 -14.20 -3.24 17.08
N SER A 13 -15.43 -3.70 17.30
CA SER A 13 -15.73 -5.12 17.21
C SER A 13 -17.19 -5.27 16.78
N PRO A 14 -17.59 -6.45 16.29
CA PRO A 14 -18.92 -6.59 15.69
C PRO A 14 -20.04 -6.19 16.65
N GLY A 15 -20.99 -5.40 16.12
CA GLY A 15 -22.10 -4.89 16.88
C GLY A 15 -21.86 -3.57 17.56
N GLU A 16 -20.62 -3.12 17.66
CA GLU A 16 -20.31 -1.89 18.36
C GLU A 16 -20.48 -0.67 17.45
N THR A 17 -20.38 0.51 18.06
CA THR A 17 -20.37 1.79 17.35
C THR A 17 -18.98 2.41 17.46
N VAL A 18 -18.50 2.97 16.34
CA VAL A 18 -17.19 3.64 16.29
C VAL A 18 -17.31 4.90 15.43
N THR A 19 -16.55 5.94 15.81
CA THR A 19 -16.55 7.21 15.09
C THR A 19 -15.13 7.56 14.64
N LEU A 20 -15.01 7.97 13.37
CA LEU A 20 -13.75 8.37 12.77
C LEU A 20 -13.83 9.86 12.46
N THR A 21 -12.71 10.56 12.61
CA THR A 21 -12.73 12.01 12.48
C THR A 21 -11.76 12.46 11.41
N CYS A 22 -12.00 13.69 10.93
CA CYS A 22 -11.27 14.20 9.79
C CYS A 22 -11.10 15.70 10.00
N ARG A 23 -9.85 16.14 10.05
CA ARG A 23 -9.51 17.49 10.50
C ARG A 23 -8.76 18.20 9.39
N SER A 24 -8.99 19.50 9.27
CA SER A 24 -8.32 20.35 8.29
C SER A 24 -7.21 21.17 8.94
N SER A 25 -6.07 21.23 8.25
CA SER A 25 -4.94 22.05 8.68
C SER A 25 -5.21 23.55 8.50
N THR A 26 -6.24 23.94 7.76
CA THR A 26 -6.54 25.34 7.52
C THR A 26 -7.50 25.93 8.54
N GLY A 27 -8.05 25.11 9.41
CA GLY A 27 -9.00 25.58 10.39
C GLY A 27 -10.14 24.61 10.52
N ALA A 28 -11.27 25.11 11.02
CA ALA A 28 -12.45 24.27 11.23
C ALA A 28 -12.95 23.75 9.89
N VAL A 29 -13.41 22.49 9.90
CA VAL A 29 -14.07 21.91 8.74
C VAL A 29 -15.48 22.49 8.66
N ILE A 30 -15.83 23.05 7.50
CA ILE A 30 -17.14 23.65 7.35
C ILE A 30 -17.86 22.98 6.19
N THR A 31 -19.10 23.41 5.95
CA THR A 31 -19.90 22.82 4.87
C THR A 31 -19.19 22.86 3.53
N SER A 32 -18.53 23.98 3.22
CA SER A 32 -17.88 24.10 1.92
C SER A 32 -16.59 23.28 1.80
N ASN A 33 -16.26 22.47 2.80
CA ASN A 33 -15.26 21.42 2.63
C ASN A 33 -15.85 20.11 2.10
N TYR A 34 -17.18 19.97 2.11
CA TYR A 34 -17.89 18.88 1.43
C TYR A 34 -17.24 17.52 1.70
N ALA A 35 -17.07 17.19 2.98
CA ALA A 35 -16.33 15.98 3.35
C ALA A 35 -16.90 14.75 2.66
N ASN A 36 -16.01 13.98 2.05
CA ASN A 36 -16.35 12.71 1.44
C ASN A 36 -15.63 11.58 2.18
N TRP A 37 -16.31 10.47 2.34
CA TRP A 37 -15.70 9.29 2.95
C TRP A 37 -15.69 8.14 1.95
N VAL A 38 -14.53 7.52 1.80
CA VAL A 38 -14.32 6.42 0.87
C VAL A 38 -13.68 5.26 1.62
N GLN A 39 -14.24 4.07 1.44
CA GLN A 39 -13.77 2.87 2.12
C GLN A 39 -12.89 2.06 1.17
N GLU A 40 -11.69 1.68 1.64
CA GLU A 40 -10.79 0.81 0.88
C GLU A 40 -10.73 -0.56 1.55
N LYS A 41 -11.29 -1.56 0.90
CA LYS A 41 -11.21 -2.94 1.33
C LYS A 41 -10.08 -3.64 0.59
N PRO A 42 -9.64 -4.82 1.07
CA PRO A 42 -8.54 -5.52 0.38
C PRO A 42 -8.87 -5.75 -1.09
N ASP A 43 -7.80 -5.95 -1.88
CA ASP A 43 -7.85 -5.99 -3.34
C ASP A 43 -8.05 -4.62 -3.96
N HIS A 44 -7.66 -3.54 -3.24
CA HIS A 44 -7.87 -2.17 -3.69
C HIS A 44 -9.30 -1.96 -4.17
N LEU A 45 -10.24 -2.29 -3.29
CA LEU A 45 -11.67 -2.27 -3.58
C LEU A 45 -12.27 -1.07 -2.87
N PHE A 46 -12.60 -0.03 -3.62
CA PHE A 46 -13.01 1.24 -3.07
C PHE A 46 -14.52 1.37 -3.14
N THR A 47 -15.10 1.94 -2.09
CA THR A 47 -16.54 2.21 -2.04
C THR A 47 -16.77 3.59 -1.44
N GLY A 48 -17.53 4.43 -2.15
CA GLY A 48 -17.92 5.72 -1.60
C GLY A 48 -19.04 5.54 -0.60
N LEU A 49 -18.89 6.18 0.56
CA LEU A 49 -19.87 6.05 1.64
C LEU A 49 -20.70 7.30 1.82
N ILE A 50 -20.04 8.45 1.94
CA ILE A 50 -20.68 9.71 2.30
C ILE A 50 -20.13 10.77 1.38
N GLY A 51 -20.99 11.64 0.89
CA GLY A 51 -20.56 12.83 0.18
C GLY A 51 -21.18 14.08 0.79
N ARG A 52 -20.46 15.19 0.67
CA ARG A 52 -20.92 16.49 1.21
C ARG A 52 -21.28 16.39 2.68
N THR A 53 -20.35 15.82 3.46
CA THR A 53 -20.43 15.71 4.91
C THR A 53 -21.51 14.75 5.41
N TYR A 54 -22.74 14.85 4.89
CA TYR A 54 -23.88 14.15 5.47
C TYR A 54 -24.54 13.10 4.58
N ASN A 55 -24.36 13.15 3.26
CA ASN A 55 -25.21 12.41 2.34
C ASN A 55 -24.66 11.01 2.08
N ARG A 56 -25.50 10.00 2.25
CA ARG A 56 -25.13 8.64 1.89
C ARG A 56 -25.11 8.46 0.38
N VAL A 57 -24.05 7.84 -0.14
CA VAL A 57 -24.14 7.40 -1.54
C VAL A 57 -25.26 6.36 -1.64
N PRO A 58 -26.07 6.35 -2.71
CA PRO A 58 -27.16 5.37 -2.77
C PRO A 58 -26.64 3.94 -2.65
N GLY A 59 -27.38 3.13 -1.88
CA GLY A 59 -26.99 1.75 -1.61
C GLY A 59 -26.16 1.54 -0.37
N VAL A 60 -25.58 2.59 0.19
CA VAL A 60 -24.77 2.45 1.40
C VAL A 60 -25.69 2.11 2.57
N PRO A 61 -25.34 1.14 3.41
CA PRO A 61 -26.18 0.78 4.56
C PRO A 61 -26.43 1.97 5.48
N ALA A 62 -27.59 1.94 6.15
CA ALA A 62 -27.96 3.02 7.06
C ALA A 62 -27.05 3.10 8.29
N ARG A 63 -26.28 2.04 8.59
CA ARG A 63 -25.38 2.09 9.73
C ARG A 63 -24.22 3.08 9.53
N PHE A 64 -24.06 3.63 8.33
CA PHE A 64 -23.09 4.68 8.06
C PHE A 64 -23.78 6.04 8.10
N SER A 65 -23.20 6.98 8.85
CA SER A 65 -23.72 8.34 8.92
C SER A 65 -22.57 9.33 9.07
N GLY A 66 -22.74 10.51 8.50
CA GLY A 66 -21.76 11.57 8.61
C GLY A 66 -22.21 12.61 9.61
N SER A 67 -21.25 13.43 10.06
CA SER A 67 -21.55 14.45 11.04
C SER A 67 -20.44 15.49 11.05
N LEU A 68 -20.70 16.59 11.77
CA LEU A 68 -19.73 17.65 12.05
C LEU A 68 -19.65 17.83 13.56
N ILE A 69 -18.72 17.15 14.22
CA ILE A 69 -18.53 17.29 15.66
C ILE A 69 -17.38 18.27 15.92
N GLY A 70 -17.73 19.46 16.36
CA GLY A 70 -16.72 20.46 16.64
C GLY A 70 -16.17 21.03 15.37
N ASP A 71 -14.85 21.08 15.28
CA ASP A 71 -14.16 21.62 14.12
C ASP A 71 -13.87 20.55 13.07
N LYS A 72 -14.42 19.35 13.24
CA LYS A 72 -14.03 18.19 12.46
C LYS A 72 -15.26 17.57 11.78
N ALA A 73 -15.01 16.93 10.65
CA ALA A 73 -15.99 16.02 10.06
C ALA A 73 -15.79 14.63 10.63
N ALA A 74 -16.86 13.85 10.64
CA ALA A 74 -16.82 12.54 11.28
C ALA A 74 -17.64 11.52 10.49
N LEU A 75 -17.19 10.27 10.55
CA LEU A 75 -17.94 9.12 10.06
C LEU A 75 -18.25 8.23 11.25
N THR A 76 -19.50 7.83 11.38
CA THR A 76 -19.93 6.95 12.46
C THR A 76 -20.51 5.67 11.86
N ILE A 77 -20.07 4.53 12.37
CA ILE A 77 -20.63 3.23 12.02
C ILE A 77 -21.36 2.69 13.24
N THR A 78 -22.68 2.49 13.12
CA THR A 78 -23.50 2.03 14.23
C THR A 78 -23.81 0.55 14.00
N GLY A 79 -23.19 -0.31 14.80
CA GLY A 79 -23.40 -1.74 14.62
C GLY A 79 -22.43 -2.29 13.59
N ALA A 80 -21.14 -2.21 13.91
CA ALA A 80 -20.10 -2.58 12.97
C ALA A 80 -20.18 -4.07 12.62
N GLN A 81 -19.91 -4.39 11.36
CA GLN A 81 -19.82 -5.76 10.90
C GLN A 81 -18.37 -6.10 10.57
N THR A 82 -18.09 -7.39 10.53
CA THR A 82 -16.77 -7.86 10.12
C THR A 82 -16.39 -7.31 8.74
N GLU A 83 -17.37 -7.19 7.85
CA GLU A 83 -17.12 -6.65 6.51
C GLU A 83 -16.68 -5.19 6.53
N ASP A 84 -16.83 -4.49 7.67
CA ASP A 84 -16.46 -3.09 7.74
C ASP A 84 -14.97 -2.88 8.03
N GLU A 85 -14.22 -3.94 8.29
CA GLU A 85 -12.78 -3.79 8.47
C GLU A 85 -12.16 -3.30 7.16
N ALA A 86 -11.57 -2.12 7.19
CA ALA A 86 -11.14 -1.45 5.98
C ALA A 86 -10.32 -0.23 6.36
N ILE A 87 -9.76 0.42 5.35
CA ILE A 87 -9.19 1.75 5.50
C ILE A 87 -10.24 2.77 5.05
N TYR A 88 -10.48 3.78 5.88
CA TYR A 88 -11.48 4.81 5.59
C TYR A 88 -10.73 6.10 5.28
N PHE A 89 -10.97 6.64 4.09
CA PHE A 89 -10.34 7.86 3.63
C PHE A 89 -11.36 8.99 3.66
N CYS A 90 -10.95 10.13 4.22
CA CYS A 90 -11.77 11.34 4.17
C CYS A 90 -11.12 12.34 3.23
N ALA A 91 -11.90 12.89 2.32
CA ALA A 91 -11.44 13.95 1.41
C ALA A 91 -12.18 15.25 1.73
N LEU A 92 -11.42 16.34 1.80
CA LEU A 92 -11.94 17.67 2.02
C LEU A 92 -11.76 18.51 0.76
N TRP A 93 -12.77 19.32 0.46
CA TRP A 93 -12.76 20.20 -0.71
C TRP A 93 -12.18 21.56 -0.34
N TYR A 94 -11.21 22.01 -1.12
CA TYR A 94 -10.58 23.31 -0.92
C TYR A 94 -10.77 24.14 -2.18
N SER A 95 -12.00 24.64 -2.37
CA SER A 95 -12.39 25.59 -3.40
C SER A 95 -12.41 24.99 -4.80
N ASN A 96 -11.33 24.28 -5.17
CA ASN A 96 -11.26 23.73 -6.52
C ASN A 96 -10.55 22.38 -6.56
N HIS A 97 -10.35 21.70 -5.44
CA HIS A 97 -9.75 20.38 -5.48
C HIS A 97 -10.06 19.66 -4.18
N PHE A 98 -10.01 18.33 -4.24
CA PHE A 98 -10.13 17.47 -3.07
C PHE A 98 -8.75 17.10 -2.54
N VAL A 99 -8.62 17.00 -1.22
CA VAL A 99 -7.43 16.45 -0.60
C VAL A 99 -7.87 15.33 0.34
N PHE A 100 -7.38 14.11 0.08
CA PHE A 100 -7.66 12.98 0.96
C PHE A 100 -6.75 13.00 2.19
N GLY A 101 -7.31 12.60 3.33
CA GLY A 101 -6.49 12.38 4.51
C GLY A 101 -5.71 11.08 4.42
N GLY A 102 -4.85 10.86 5.42
CA GLY A 102 -3.99 9.69 5.41
C GLY A 102 -4.70 8.35 5.55
N GLY A 103 -5.96 8.35 5.98
CA GLY A 103 -6.73 7.13 6.13
C GLY A 103 -6.66 6.56 7.53
N THR A 104 -7.78 5.95 7.95
CA THR A 104 -7.85 5.26 9.23
C THR A 104 -7.99 3.76 8.97
N LYS A 105 -7.01 2.98 9.44
CA LYS A 105 -7.13 1.53 9.41
C LYS A 105 -8.08 1.11 10.52
N LEU A 106 -9.27 0.66 10.15
CA LEU A 106 -10.28 0.26 11.11
C LEU A 106 -10.24 -1.26 11.25
N THR A 107 -9.95 -1.73 12.45
CA THR A 107 -9.99 -3.14 12.79
C THR A 107 -11.33 -3.46 13.45
N VAL A 108 -12.05 -4.42 12.89
CA VAL A 108 -13.24 -4.98 13.53
C VAL A 108 -12.81 -6.35 14.05
N LEU A 109 -12.44 -6.39 15.33
CA LEU A 109 -11.77 -7.51 15.97
C LEU A 109 -12.37 -8.86 15.59
N LYS A 110 -11.57 -9.68 14.92
CA LYS A 110 -11.98 -11.03 14.56
C LYS A 110 -11.53 -12.07 15.58
N ARG A 111 -10.50 -11.80 16.37
CA ARG A 111 -9.90 -12.85 17.19
C ARG A 111 -9.04 -12.22 18.27
N THR A 112 -8.60 -13.07 19.22
CA THR A 112 -7.66 -12.63 20.23
C THR A 112 -6.40 -12.06 19.60
N VAL A 113 -5.89 -10.97 20.19
CA VAL A 113 -4.66 -10.35 19.73
C VAL A 113 -3.51 -11.36 19.74
N ALA A 114 -2.69 -11.32 18.69
CA ALA A 114 -1.56 -12.22 18.54
C ALA A 114 -0.30 -11.41 18.28
N ALA A 115 0.68 -11.54 19.18
CA ALA A 115 1.88 -10.73 19.05
C ALA A 115 2.86 -11.36 18.06
N PRO A 116 3.60 -10.53 17.32
CA PRO A 116 4.50 -11.08 16.30
C PRO A 116 5.71 -11.76 16.92
N SER A 117 6.09 -12.90 16.33
CA SER A 117 7.43 -13.44 16.51
C SER A 117 8.40 -12.63 15.66
N VAL A 118 9.44 -12.11 16.28
CA VAL A 118 10.31 -11.13 15.63
C VAL A 118 11.68 -11.77 15.38
N PHE A 119 12.10 -11.75 14.11
CA PHE A 119 13.39 -12.30 13.70
C PHE A 119 14.15 -11.24 12.90
N ILE A 120 15.45 -11.13 13.15
CA ILE A 120 16.31 -10.23 12.39
C ILE A 120 17.31 -11.07 11.60
N PHE A 121 17.62 -10.61 10.39
CA PHE A 121 18.57 -11.31 9.52
C PHE A 121 19.64 -10.32 9.08
N PRO A 122 20.89 -10.52 9.46
CA PRO A 122 21.97 -9.66 8.97
C PRO A 122 22.24 -9.96 7.49
N PRO A 123 22.98 -9.09 6.80
CA PRO A 123 23.29 -9.38 5.39
C PRO A 123 24.27 -10.55 5.28
N SER A 124 24.03 -11.38 4.28
CA SER A 124 24.95 -12.48 4.01
C SER A 124 26.28 -11.93 3.51
N ASP A 125 27.35 -12.70 3.77
CA ASP A 125 28.63 -12.41 3.11
C ASP A 125 28.46 -12.37 1.61
N GLU A 126 27.59 -13.24 1.07
CA GLU A 126 27.38 -13.30 -0.37
C GLU A 126 26.83 -11.98 -0.90
N GLN A 127 25.89 -11.34 -0.16
CA GLN A 127 25.40 -10.04 -0.58
C GLN A 127 26.46 -8.97 -0.44
N LEU A 128 27.29 -9.05 0.60
CA LEU A 128 28.32 -8.04 0.82
C LEU A 128 29.35 -8.04 -0.30
N LYS A 129 29.61 -9.20 -0.91
CA LYS A 129 30.47 -9.25 -2.09
C LYS A 129 29.90 -8.44 -3.24
N SER A 130 28.57 -8.32 -3.31
CA SER A 130 27.91 -7.59 -4.38
C SER A 130 27.85 -6.08 -4.14
N GLY A 131 28.31 -5.61 -2.99
CA GLY A 131 28.42 -4.18 -2.75
C GLY A 131 27.25 -3.54 -2.05
N THR A 132 26.23 -4.31 -1.65
CA THR A 132 25.12 -3.78 -0.88
C THR A 132 24.89 -4.65 0.35
N ALA A 133 24.10 -4.13 1.28
CA ALA A 133 23.79 -4.80 2.53
C ALA A 133 22.33 -4.55 2.88
N SER A 134 21.56 -5.63 2.97
CA SER A 134 20.16 -5.55 3.36
C SER A 134 19.99 -6.27 4.69
N VAL A 135 19.42 -5.57 5.67
CA VAL A 135 19.07 -6.16 6.95
C VAL A 135 17.56 -6.36 6.97
N VAL A 136 17.13 -7.58 7.28
CA VAL A 136 15.73 -7.96 7.17
C VAL A 136 15.20 -8.23 8.57
N CYS A 137 14.09 -7.59 8.89
CA CYS A 137 13.36 -7.81 10.14
C CYS A 137 12.04 -8.45 9.76
N LEU A 138 11.75 -9.61 10.35
CA LEU A 138 10.53 -10.36 10.05
C LEU A 138 9.60 -10.30 11.25
N LEU A 139 8.35 -9.91 10.99
CA LEU A 139 7.27 -10.00 11.97
C LEU A 139 6.30 -11.08 11.51
N ASN A 140 6.17 -12.14 12.30
CA ASN A 140 5.48 -13.34 11.84
C ASN A 140 4.18 -13.57 12.61
N ASN A 141 3.09 -13.74 11.85
CA ASN A 141 1.81 -14.27 12.34
C ASN A 141 1.25 -13.42 13.49
N PHE A 142 0.99 -12.15 13.19
CA PHE A 142 0.48 -11.23 14.18
C PHE A 142 -0.89 -10.71 13.77
N TYR A 143 -1.62 -10.21 14.76
CA TYR A 143 -2.96 -9.66 14.59
C TYR A 143 -3.22 -8.72 15.75
N PRO A 144 -3.80 -7.53 15.52
CA PRO A 144 -4.22 -6.93 14.25
C PRO A 144 -3.08 -6.31 13.42
N ARG A 145 -3.44 -5.68 12.30
CA ARG A 145 -2.46 -5.32 11.28
C ARG A 145 -1.47 -4.27 11.80
N GLU A 146 -1.98 -3.24 12.48
CA GLU A 146 -1.15 -2.10 12.89
C GLU A 146 0.11 -2.54 13.63
N ALA A 147 1.26 -2.15 13.10
CA ALA A 147 2.55 -2.46 13.70
C ALA A 147 3.57 -1.41 13.30
N LYS A 148 4.52 -1.15 14.20
CA LYS A 148 5.55 -0.13 14.03
C LYS A 148 6.92 -0.78 14.09
N VAL A 149 7.61 -0.80 12.95
CA VAL A 149 8.97 -1.29 12.88
C VAL A 149 9.89 -0.08 12.76
N GLN A 150 10.85 0.04 13.67
CA GLN A 150 11.81 1.12 13.66
C GLN A 150 13.21 0.55 13.71
N TRP A 151 14.09 1.10 12.87
CA TRP A 151 15.48 0.68 12.77
C TRP A 151 16.37 1.63 13.56
N LYS A 152 17.28 1.08 14.34
CA LYS A 152 18.31 1.86 15.01
C LYS A 152 19.66 1.27 14.62
N VAL A 153 20.59 2.14 14.21
CA VAL A 153 21.93 1.73 13.82
C VAL A 153 22.90 2.47 14.74
N ASP A 154 23.61 1.70 15.58
CA ASP A 154 24.40 2.28 16.68
C ASP A 154 23.55 3.24 17.52
N ASN A 155 22.28 2.87 17.68
CA ASN A 155 21.26 3.63 18.41
C ASN A 155 20.85 4.93 17.73
N ALA A 156 21.28 5.18 16.51
CA ALA A 156 20.79 6.31 15.74
C ALA A 156 19.54 5.91 14.97
N LEU A 157 18.48 6.70 15.12
CA LEU A 157 17.20 6.39 14.50
C LEU A 157 17.29 6.55 12.99
N GLN A 158 16.90 5.50 12.26
CA GLN A 158 16.98 5.49 10.80
C GLN A 158 15.74 6.12 10.18
N SER A 159 15.92 6.63 8.96
CA SER A 159 14.83 7.27 8.24
C SER A 159 15.14 7.24 6.75
N GLY A 160 14.13 6.89 5.95
CA GLY A 160 14.22 6.92 4.51
C GLY A 160 14.96 5.77 3.86
N ASN A 161 15.58 4.88 4.62
CA ASN A 161 16.40 3.81 4.04
C ASN A 161 15.83 2.41 4.31
N SER A 162 14.54 2.31 4.58
CA SER A 162 13.90 1.01 4.77
C SER A 162 12.55 0.98 4.06
N GLN A 163 12.13 -0.21 3.68
CA GLN A 163 10.84 -0.44 3.04
C GLN A 163 10.16 -1.63 3.68
N GLU A 164 8.83 -1.60 3.73
CA GLU A 164 8.04 -2.63 4.40
C GLU A 164 7.18 -3.37 3.39
N SER A 165 6.92 -4.65 3.67
CA SER A 165 6.01 -5.45 2.88
C SER A 165 5.24 -6.37 3.82
N VAL A 166 3.98 -6.64 3.47
CA VAL A 166 3.08 -7.40 4.33
C VAL A 166 2.31 -8.43 3.51
N THR A 167 2.12 -9.62 4.09
CA THR A 167 1.31 -10.67 3.48
C THR A 167 -0.17 -10.31 3.48
N GLU A 168 -0.93 -11.10 2.73
CA GLU A 168 -2.38 -11.08 2.84
C GLU A 168 -2.78 -11.50 4.24
N GLN A 169 -3.95 -11.05 4.68
CA GLN A 169 -4.50 -11.58 5.92
C GLN A 169 -4.78 -13.06 5.75
N ASP A 170 -4.32 -13.88 6.69
CA ASP A 170 -4.49 -15.31 6.57
C ASP A 170 -5.97 -15.68 6.72
N SER A 171 -6.49 -16.45 5.77
CA SER A 171 -7.91 -16.74 5.71
C SER A 171 -8.38 -17.60 6.88
N LYS A 172 -7.48 -18.40 7.47
CA LYS A 172 -7.85 -19.32 8.54
C LYS A 172 -7.59 -18.80 9.95
N ASP A 173 -6.47 -18.11 10.19
CA ASP A 173 -6.19 -17.62 11.54
C ASP A 173 -6.09 -16.10 11.64
N SER A 174 -6.35 -15.37 10.56
CA SER A 174 -6.54 -13.92 10.52
C SER A 174 -5.25 -13.14 10.69
N THR A 175 -4.09 -13.79 10.72
CA THR A 175 -2.85 -13.09 11.02
C THR A 175 -2.18 -12.54 9.75
N TYR A 176 -1.17 -11.69 9.97
CA TYR A 176 -0.31 -11.15 8.92
C TYR A 176 1.14 -11.50 9.24
N SER A 177 1.99 -11.40 8.22
CA SER A 177 3.43 -11.40 8.40
C SER A 177 4.02 -10.20 7.66
N LEU A 178 5.05 -9.59 8.25
CA LEU A 178 5.60 -8.34 7.73
C LEU A 178 7.12 -8.44 7.66
N SER A 179 7.68 -7.98 6.55
CA SER A 179 9.12 -7.79 6.43
C SER A 179 9.43 -6.29 6.40
N SER A 180 10.50 -5.92 7.08
CA SER A 180 11.06 -4.58 7.00
C SER A 180 12.53 -4.72 6.63
N THR A 181 12.91 -4.18 5.46
CA THR A 181 14.26 -4.34 4.94
C THR A 181 15.01 -3.02 5.04
N LEU A 182 16.11 -3.02 5.80
CA LEU A 182 17.00 -1.87 5.84
C LEU A 182 18.09 -2.05 4.79
N THR A 183 18.13 -1.16 3.80
CA THR A 183 19.04 -1.33 2.68
C THR A 183 20.12 -0.25 2.72
N LEU A 184 21.38 -0.69 2.81
CA LEU A 184 22.53 0.20 2.80
C LEU A 184 23.53 -0.27 1.76
N SER A 185 24.34 0.66 1.27
CA SER A 185 25.55 0.24 0.59
C SER A 185 26.42 -0.56 1.55
N LYS A 186 27.33 -1.35 1.00
CA LYS A 186 28.30 -2.04 1.85
C LYS A 186 29.13 -1.04 2.66
N ALA A 187 29.50 0.09 2.05
CA ALA A 187 30.33 1.07 2.73
C ALA A 187 29.63 1.63 3.97
N ASP A 188 28.36 2.02 3.84
CA ASP A 188 27.63 2.56 4.98
C ASP A 188 27.40 1.49 6.04
N TYR A 189 27.14 0.25 5.60
CA TYR A 189 26.92 -0.85 6.53
C TYR A 189 28.14 -1.08 7.41
N GLU A 190 29.33 -1.00 6.83
CA GLU A 190 30.56 -1.28 7.56
C GLU A 190 31.03 -0.11 8.42
N LYS A 191 30.36 1.03 8.35
CA LYS A 191 30.68 2.12 9.26
C LYS A 191 30.10 1.92 10.65
N HIS A 192 29.30 0.90 10.88
CA HIS A 192 28.53 0.79 12.11
C HIS A 192 28.62 -0.62 12.65
N LYS A 193 28.11 -0.79 13.88
CA LYS A 193 28.24 -2.04 14.61
C LYS A 193 26.89 -2.62 15.00
N VAL A 194 26.06 -1.89 15.75
CA VAL A 194 24.82 -2.45 16.29
C VAL A 194 23.67 -2.16 15.34
N TYR A 195 23.00 -3.22 14.90
CA TYR A 195 21.85 -3.13 14.00
C TYR A 195 20.64 -3.69 14.72
N ALA A 196 19.65 -2.84 14.96
CA ALA A 196 18.54 -3.18 15.82
C ALA A 196 17.22 -2.92 15.12
N CYS A 197 16.30 -3.86 15.29
CA CYS A 197 14.92 -3.71 14.83
C CYS A 197 14.03 -3.61 16.05
N GLU A 198 13.23 -2.54 16.14
CA GLU A 198 12.33 -2.33 17.26
C GLU A 198 10.88 -2.39 16.78
N VAL A 199 10.09 -3.25 17.40
CA VAL A 199 8.74 -3.56 16.95
C VAL A 199 7.76 -3.22 18.06
N THR A 200 6.74 -2.43 17.73
CA THR A 200 5.66 -2.17 18.66
C THR A 200 4.37 -2.71 18.09
N HIS A 201 3.59 -3.36 18.96
CA HIS A 201 2.36 -4.04 18.58
C HIS A 201 1.53 -4.21 19.85
N GLN A 202 0.21 -4.30 19.69
CA GLN A 202 -0.68 -4.43 20.84
C GLN A 202 -0.36 -5.68 21.67
N GLY A 203 -0.02 -6.78 21.00
CA GLY A 203 0.28 -8.02 21.70
C GLY A 203 1.55 -7.97 22.53
N LEU A 204 2.34 -6.91 22.40
CA LEU A 204 3.57 -6.76 23.16
C LEU A 204 3.35 -5.76 24.28
N SER A 205 3.62 -6.19 25.52
CA SER A 205 3.68 -5.32 26.67
C SER A 205 4.45 -4.05 26.34
N SER A 206 5.77 -4.21 26.19
CA SER A 206 6.81 -3.28 25.80
C SER A 206 7.33 -3.60 24.39
N PRO A 207 7.82 -2.61 23.65
CA PRO A 207 8.37 -2.89 22.33
C PRO A 207 9.51 -3.90 22.40
N VAL A 208 9.61 -4.72 21.36
CA VAL A 208 10.59 -5.80 21.28
C VAL A 208 11.72 -5.37 20.36
N THR A 209 12.96 -5.56 20.79
CA THR A 209 14.14 -5.19 20.03
C THR A 209 14.98 -6.44 19.75
N LYS A 210 15.11 -6.78 18.48
CA LYS A 210 16.06 -7.78 18.01
C LYS A 210 17.24 -7.06 17.39
N SER A 211 18.45 -7.47 17.73
CA SER A 211 19.63 -6.76 17.27
C SER A 211 20.77 -7.75 17.06
N PHE A 212 21.83 -7.25 16.45
CA PHE A 212 23.07 -8.01 16.29
C PHE A 212 24.21 -7.01 16.14
N ASN A 213 25.42 -7.50 16.39
CA ASN A 213 26.63 -6.70 16.23
C ASN A 213 27.33 -7.15 14.97
N ARG A 214 27.62 -6.18 14.09
CA ARG A 214 28.28 -6.46 12.82
C ARG A 214 29.58 -7.21 13.05
N GLY A 215 29.71 -8.37 12.41
CA GLY A 215 30.97 -9.09 12.40
C GLY A 215 31.14 -10.18 13.43
N GLU A 216 30.14 -10.44 14.27
CA GLU A 216 30.19 -11.51 15.26
C GLU A 216 29.22 -12.62 14.89
N CYS A 217 29.19 -13.66 15.72
CA CYS A 217 28.03 -14.54 15.80
C CYS A 217 27.62 -14.67 17.26
N GLU B 2 -24.36 -3.90 -13.30
CA GLU B 2 -24.67 -3.42 -14.62
C GLU B 2 -23.90 -2.13 -14.95
N VAL B 3 -23.71 -1.27 -13.96
CA VAL B 3 -22.88 -0.09 -14.15
C VAL B 3 -21.42 -0.52 -14.17
N LYS B 4 -20.73 -0.20 -15.26
CA LYS B 4 -19.35 -0.64 -15.45
C LYS B 4 -18.48 0.52 -15.89
N LEU B 5 -17.38 0.72 -15.17
CA LEU B 5 -16.34 1.68 -15.52
C LEU B 5 -15.12 0.88 -15.95
N HIS B 6 -14.94 0.69 -17.26
CA HIS B 6 -13.92 -0.22 -17.76
C HIS B 6 -12.68 0.57 -18.16
N GLN B 7 -11.58 0.33 -17.45
CA GLN B 7 -10.32 1.03 -17.67
C GLN B 7 -9.41 0.20 -18.57
N SER B 8 -8.62 0.89 -19.37
CA SER B 8 -7.64 0.24 -20.22
C SER B 8 -6.47 1.20 -20.40
N GLY B 9 -5.36 0.66 -20.90
CA GLY B 9 -4.11 1.39 -20.97
C GLY B 9 -3.21 1.10 -19.78
N GLY B 10 -2.32 2.05 -19.53
CA GLY B 10 -1.38 1.88 -18.44
C GLY B 10 -0.16 1.08 -18.84
N GLY B 11 0.46 0.48 -17.83
CA GLY B 11 1.65 -0.32 -18.05
C GLY B 11 2.93 0.41 -17.69
N LEU B 12 4.01 0.04 -18.35
CA LEU B 12 5.33 0.58 -18.05
C LEU B 12 5.61 1.81 -18.88
N VAL B 13 6.19 2.82 -18.25
CA VAL B 13 6.64 4.02 -18.93
C VAL B 13 7.90 4.52 -18.23
N GLN B 14 8.80 5.10 -19.00
CA GLN B 14 10.05 5.59 -18.43
C GLN B 14 9.88 7.00 -17.90
N PRO B 15 10.71 7.40 -16.93
CA PRO B 15 10.67 8.79 -16.46
C PRO B 15 10.79 9.76 -17.62
N GLY B 16 9.96 10.81 -17.57
CA GLY B 16 9.86 11.79 -18.64
C GLY B 16 8.88 11.43 -19.73
N GLY B 17 8.29 10.23 -19.69
CA GLY B 17 7.46 9.72 -20.77
C GLY B 17 6.01 10.15 -20.66
N PHE B 18 5.18 9.55 -21.52
CA PHE B 18 3.81 9.99 -21.73
C PHE B 18 2.92 8.78 -21.87
N LEU B 19 1.72 8.86 -21.30
CA LEU B 19 0.82 7.72 -21.26
C LEU B 19 -0.61 8.22 -21.07
N LYS B 20 -1.55 7.64 -21.82
CA LYS B 20 -2.95 8.03 -21.74
C LYS B 20 -3.78 6.83 -21.30
N ILE B 21 -4.59 7.02 -20.26
CA ILE B 21 -5.47 5.98 -19.74
C ILE B 21 -6.90 6.29 -20.16
N SER B 22 -7.69 5.25 -20.39
CA SER B 22 -9.08 5.38 -20.78
C SER B 22 -10.00 4.72 -19.76
N CYS B 23 -11.24 5.20 -19.70
CA CYS B 23 -12.27 4.66 -18.84
C CYS B 23 -13.59 4.75 -19.60
N VAL B 24 -14.13 3.61 -20.02
CA VAL B 24 -15.36 3.56 -20.81
C VAL B 24 -16.51 3.17 -19.90
N VAL B 25 -17.52 4.03 -19.83
CA VAL B 25 -18.63 3.88 -18.90
C VAL B 25 -19.83 3.29 -19.62
N SER B 26 -20.51 2.35 -18.97
CA SER B 26 -21.78 1.82 -19.45
C SER B 26 -22.67 1.53 -18.25
N GLY B 27 -23.99 1.55 -18.49
CA GLY B 27 -24.96 1.34 -17.45
C GLY B 27 -25.55 2.61 -16.87
N ILE B 28 -25.00 3.77 -17.21
CA ILE B 28 -25.54 5.06 -16.81
C ILE B 28 -25.40 6.02 -17.99
N ASP B 29 -26.15 7.12 -17.94
CA ASP B 29 -26.03 8.17 -18.93
C ASP B 29 -24.78 9.00 -18.61
N PHE B 30 -23.64 8.55 -19.17
CA PHE B 30 -22.34 9.17 -18.92
C PHE B 30 -22.39 10.69 -19.01
N SER B 31 -23.10 11.22 -20.01
CA SER B 31 -23.07 12.65 -20.30
C SER B 31 -23.70 13.52 -19.21
N ARG B 32 -24.21 12.92 -18.14
CA ARG B 32 -24.75 13.70 -17.03
C ARG B 32 -24.01 13.45 -15.73
N TYR B 33 -22.81 12.85 -15.79
CA TYR B 33 -22.04 12.55 -14.58
C TYR B 33 -20.72 13.31 -14.57
N TRP B 34 -20.43 13.93 -13.44
CA TRP B 34 -19.06 14.33 -13.14
C TRP B 34 -18.18 13.09 -13.05
N MET B 35 -16.96 13.19 -13.54
CA MET B 35 -16.02 12.08 -13.46
C MET B 35 -14.75 12.53 -12.76
N SER B 36 -14.06 11.60 -12.14
CA SER B 36 -12.88 11.92 -11.35
C SER B 36 -11.80 10.89 -11.60
N TRP B 37 -10.55 11.32 -11.52
CA TRP B 37 -9.41 10.41 -11.47
C TRP B 37 -8.74 10.52 -10.12
N VAL B 38 -8.30 9.37 -9.63
CA VAL B 38 -7.79 9.19 -8.28
C VAL B 38 -6.67 8.16 -8.38
N ARG B 39 -5.73 8.18 -7.45
CA ARG B 39 -4.69 7.16 -7.52
C ARG B 39 -4.30 6.66 -6.15
N ARG B 40 -3.67 5.51 -6.14
CA ARG B 40 -3.30 4.80 -4.93
C ARG B 40 -1.90 4.25 -5.17
N ALA B 41 -0.92 4.89 -4.61
CA ALA B 41 0.45 4.45 -4.80
C ALA B 41 0.88 3.57 -3.64
N PRO B 42 1.86 2.69 -3.85
CA PRO B 42 2.28 1.79 -2.77
C PRO B 42 2.84 2.58 -1.60
N GLY B 43 2.38 2.24 -0.40
CA GLY B 43 2.81 2.95 0.79
C GLY B 43 2.27 4.34 0.93
N LYS B 44 1.33 4.77 0.09
CA LYS B 44 0.73 6.09 0.17
C LYS B 44 -0.78 5.96 0.14
N GLY B 45 -1.46 6.91 0.76
CA GLY B 45 -2.90 6.90 0.77
C GLY B 45 -3.48 7.29 -0.58
N LEU B 46 -4.80 7.13 -0.68
CA LEU B 46 -5.59 7.68 -1.77
C LEU B 46 -5.22 9.12 -2.08
N GLU B 47 -5.01 9.42 -3.36
CA GLU B 47 -4.75 10.80 -3.75
C GLU B 47 -5.68 11.18 -4.89
N TRP B 48 -6.38 12.29 -4.71
CA TRP B 48 -7.29 12.82 -5.72
C TRP B 48 -6.48 13.64 -6.74
N ILE B 49 -6.64 13.31 -8.01
CA ILE B 49 -5.94 14.00 -9.08
C ILE B 49 -6.78 15.13 -9.66
N GLY B 50 -8.00 14.83 -10.08
CA GLY B 50 -8.83 15.86 -10.69
C GLY B 50 -10.21 15.33 -11.01
N GLU B 51 -11.02 16.21 -11.59
CA GLU B 51 -12.42 15.93 -11.91
C GLU B 51 -12.80 16.78 -13.11
N ILE B 52 -13.94 16.45 -13.73
CA ILE B 52 -14.38 17.17 -14.93
C ILE B 52 -15.90 17.09 -15.02
N THR B 53 -16.51 18.24 -15.36
CA THR B 53 -17.95 18.32 -15.46
C THR B 53 -18.46 17.58 -16.69
N PRO B 54 -19.75 17.18 -16.69
CA PRO B 54 -20.36 16.59 -17.89
C PRO B 54 -20.08 17.37 -19.17
N ASP B 55 -20.19 18.70 -19.14
CA ASP B 55 -19.95 19.49 -20.35
C ASP B 55 -18.48 19.82 -20.59
N SER B 56 -17.57 19.34 -19.75
CA SER B 56 -16.13 19.58 -19.85
C SER B 56 -15.74 21.05 -19.69
N ASN B 57 -16.65 21.93 -19.31
CA ASN B 57 -16.24 23.33 -19.18
C ASN B 57 -15.54 23.61 -17.86
N THR B 58 -15.63 22.72 -16.87
CA THR B 58 -14.85 22.86 -15.65
C THR B 58 -14.00 21.61 -15.46
N ILE B 59 -12.68 21.81 -15.37
CA ILE B 59 -11.74 20.73 -15.11
C ILE B 59 -10.88 21.18 -13.94
N ASN B 60 -10.99 20.48 -12.82
CA ASN B 60 -10.32 20.85 -11.59
C ASN B 60 -9.20 19.87 -11.30
N TYR B 61 -8.09 20.37 -10.75
CA TYR B 61 -6.95 19.52 -10.46
C TYR B 61 -6.39 19.88 -9.08
N VAL B 62 -5.89 18.88 -8.37
CA VAL B 62 -5.00 19.27 -7.26
C VAL B 62 -3.81 20.03 -7.85
N PRO B 63 -3.48 21.22 -7.36
CA PRO B 63 -2.49 22.06 -8.05
C PRO B 63 -1.13 21.39 -8.25
N SER B 64 -0.68 20.54 -7.32
CA SER B 64 0.62 19.92 -7.46
C SER B 64 0.72 18.95 -8.63
N LEU B 65 -0.40 18.53 -9.20
CA LEU B 65 -0.38 17.60 -10.33
C LEU B 65 -0.84 18.26 -11.63
N LYS B 66 -1.13 19.57 -11.59
CA LYS B 66 -1.64 20.33 -12.74
C LYS B 66 -0.77 20.18 -13.98
N ASP B 67 0.54 19.99 -13.80
CA ASP B 67 1.52 20.02 -14.89
C ASP B 67 1.85 18.64 -15.44
N ASN B 68 1.38 17.57 -14.80
CA ASN B 68 1.70 16.22 -15.25
C ASN B 68 0.49 15.36 -15.57
N PHE B 69 -0.73 15.90 -15.44
CA PHE B 69 -1.96 15.17 -15.67
C PHE B 69 -2.96 16.07 -16.38
N GLY B 70 -3.64 15.50 -17.36
CA GLY B 70 -4.66 16.23 -18.09
C GLY B 70 -5.90 15.37 -18.24
N ILE B 71 -7.06 15.93 -17.93
CA ILE B 71 -8.31 15.18 -17.93
C ILE B 71 -9.20 15.68 -19.07
N SER B 72 -9.85 14.74 -19.75
CA SER B 72 -10.76 15.05 -20.83
C SER B 72 -11.78 13.91 -20.94
N ARG B 73 -12.82 14.15 -21.71
CA ARG B 73 -13.87 13.15 -21.88
C ARG B 73 -14.47 13.30 -23.27
N ASP B 74 -14.95 12.17 -23.80
CA ASP B 74 -15.68 12.14 -25.06
C ASP B 74 -17.05 11.52 -24.77
N ASN B 75 -18.05 12.39 -24.56
CA ASN B 75 -19.38 11.91 -24.19
C ASN B 75 -20.01 11.06 -25.27
N ALA B 76 -19.68 11.31 -26.54
CA ALA B 76 -20.19 10.50 -27.62
C ALA B 76 -19.68 9.08 -27.57
N LYS B 77 -18.52 8.85 -26.96
CA LYS B 77 -17.96 7.52 -26.81
C LYS B 77 -17.95 7.07 -25.35
N ASN B 78 -18.73 7.73 -24.50
CA ASN B 78 -18.81 7.42 -23.08
C ASN B 78 -17.44 7.17 -22.45
N THR B 79 -16.43 7.92 -22.86
CA THR B 79 -15.06 7.65 -22.43
C THR B 79 -14.50 8.83 -21.65
N LEU B 80 -13.89 8.53 -20.52
CA LEU B 80 -13.08 9.46 -19.75
C LEU B 80 -11.60 9.15 -20.01
N PHE B 81 -10.79 10.20 -20.09
CA PHE B 81 -9.36 10.07 -20.36
C PHE B 81 -8.52 10.71 -19.26
N LEU B 82 -7.35 10.12 -19.04
CA LEU B 82 -6.32 10.70 -18.19
C LEU B 82 -5.03 10.70 -18.99
N GLN B 83 -4.54 11.89 -19.34
CA GLN B 83 -3.24 12.04 -19.98
C GLN B 83 -2.19 12.20 -18.90
N MET B 84 -1.17 11.35 -18.92
CA MET B 84 -0.02 11.48 -18.04
C MET B 84 1.13 12.09 -18.81
N THR B 85 1.67 13.19 -18.30
CA THR B 85 2.57 14.05 -19.04
C THR B 85 3.89 14.20 -18.28
N LYS B 86 4.99 13.88 -18.95
CA LYS B 86 6.33 14.00 -18.37
C LYS B 86 6.41 13.28 -17.02
N VAL B 87 6.02 12.00 -17.04
CA VAL B 87 5.79 11.28 -15.79
C VAL B 87 7.04 11.23 -14.93
N ARG B 88 6.83 11.28 -13.63
CA ARG B 88 7.91 11.16 -12.67
C ARG B 88 7.84 9.79 -12.01
N SER B 89 8.94 9.39 -11.36
CA SER B 89 9.00 8.10 -10.70
C SER B 89 7.94 7.97 -9.63
N GLU B 90 7.62 9.07 -8.94
CA GLU B 90 6.57 9.02 -7.91
C GLU B 90 5.18 8.85 -8.48
N ASP B 91 5.00 8.87 -9.80
CA ASP B 91 3.69 8.61 -10.40
C ASP B 91 3.36 7.13 -10.53
N THR B 92 4.26 6.24 -10.13
CA THR B 92 3.93 4.81 -10.06
C THR B 92 2.75 4.62 -9.12
N ALA B 93 1.66 4.04 -9.62
CA ALA B 93 0.46 3.92 -8.80
C ALA B 93 -0.61 3.13 -9.56
N LEU B 94 -1.64 2.75 -8.82
CA LEU B 94 -2.88 2.27 -9.40
C LEU B 94 -3.79 3.48 -9.58
N TYR B 95 -4.23 3.71 -10.82
CA TYR B 95 -5.11 4.83 -11.15
C TYR B 95 -6.55 4.34 -11.32
N PHE B 96 -7.49 5.08 -10.76
CA PHE B 96 -8.91 4.72 -10.80
C PHE B 96 -9.74 5.88 -11.32
N CYS B 97 -10.61 5.61 -12.26
CA CYS B 97 -11.68 6.56 -12.56
C CYS B 97 -12.84 6.33 -11.59
N ALA B 98 -13.54 7.41 -11.27
CA ALA B 98 -14.69 7.35 -10.38
C ALA B 98 -15.74 8.32 -10.87
N SER B 99 -17.00 7.96 -10.68
CA SER B 99 -18.12 8.80 -11.07
C SER B 99 -18.81 9.33 -9.82
N TYR B 100 -19.19 10.61 -9.86
CA TYR B 100 -19.89 11.22 -8.72
C TYR B 100 -21.38 10.94 -8.78
N TYR B 101 -21.92 10.48 -7.65
CA TYR B 101 -23.35 10.57 -7.35
C TYR B 101 -23.45 10.74 -5.83
N GLU B 102 -23.61 12.00 -5.40
CA GLU B 102 -23.59 12.39 -3.99
C GLU B 102 -22.18 12.28 -3.42
N GLY B 103 -21.51 11.16 -3.68
CA GLY B 103 -20.11 10.95 -3.32
C GLY B 103 -19.38 10.22 -4.43
N PHE B 104 -18.31 9.49 -4.11
CA PHE B 104 -17.60 8.74 -5.12
C PHE B 104 -18.37 7.44 -5.33
N ALA B 105 -19.33 7.47 -6.24
CA ALA B 105 -20.36 6.42 -6.31
C ALA B 105 -19.89 5.19 -7.09
N TYR B 106 -19.34 5.38 -8.28
CA TYR B 106 -18.94 4.25 -9.13
C TYR B 106 -17.45 4.28 -9.40
N TRP B 107 -16.85 3.09 -9.55
CA TRP B 107 -15.41 2.93 -9.56
C TRP B 107 -14.97 1.98 -10.66
N GLY B 108 -13.91 2.36 -11.38
CA GLY B 108 -13.26 1.45 -12.30
C GLY B 108 -12.45 0.39 -11.58
N GLN B 109 -11.94 -0.57 -12.35
CA GLN B 109 -11.18 -1.67 -11.79
C GLN B 109 -9.73 -1.31 -11.51
N GLY B 110 -9.28 -0.13 -11.92
CA GLY B 110 -7.92 0.33 -11.64
C GLY B 110 -6.96 -0.02 -12.76
N THR B 111 -5.97 0.85 -12.94
CA THR B 111 -4.94 0.72 -13.96
C THR B 111 -3.58 0.91 -13.32
N LEU B 112 -2.71 -0.09 -13.48
CA LEU B 112 -1.35 0.00 -12.95
C LEU B 112 -0.48 0.77 -13.92
N VAL B 113 0.23 1.77 -13.42
CA VAL B 113 1.24 2.50 -14.18
C VAL B 113 2.55 2.40 -13.41
N THR B 114 3.59 1.85 -14.04
CA THR B 114 4.90 1.73 -13.45
C THR B 114 5.84 2.69 -14.17
N VAL B 115 6.46 3.60 -13.42
CA VAL B 115 7.44 4.53 -13.97
C VAL B 115 8.82 4.05 -13.53
N SER B 116 9.58 3.48 -14.48
CA SER B 116 10.94 3.04 -14.20
C SER B 116 11.78 3.11 -15.47
N ALA B 117 13.03 3.55 -15.30
CA ALA B 117 14.00 3.64 -16.38
C ALA B 117 14.79 2.35 -16.58
N ALA B 118 14.47 1.30 -15.83
CA ALA B 118 15.30 0.09 -15.86
C ALA B 118 15.03 -0.75 -17.10
N SER B 119 16.07 -1.42 -17.57
CA SER B 119 15.93 -2.49 -18.55
C SER B 119 15.83 -3.82 -17.83
N THR B 120 15.43 -4.85 -18.56
CA THR B 120 15.15 -6.13 -17.91
C THR B 120 16.43 -6.70 -17.32
N LYS B 121 16.27 -7.44 -16.22
CA LYS B 121 17.40 -7.78 -15.38
C LYS B 121 17.01 -8.83 -14.35
N GLY B 122 17.75 -9.92 -14.27
CA GLY B 122 17.44 -10.98 -13.34
C GLY B 122 17.86 -10.65 -11.92
N PRO B 123 17.26 -11.31 -10.95
CA PRO B 123 17.57 -11.02 -9.54
C PRO B 123 18.83 -11.71 -9.07
N SER B 124 19.45 -11.12 -8.05
CA SER B 124 20.41 -11.82 -7.22
C SER B 124 19.68 -12.44 -6.04
N VAL B 125 20.03 -13.67 -5.70
CA VAL B 125 19.36 -14.38 -4.62
C VAL B 125 20.34 -14.55 -3.48
N PHE B 126 19.98 -14.03 -2.30
CA PHE B 126 20.88 -14.09 -1.16
C PHE B 126 20.21 -14.84 -0.02
N PRO B 127 20.94 -15.70 0.68
CA PRO B 127 20.32 -16.48 1.75
C PRO B 127 20.05 -15.62 2.97
N LEU B 128 18.93 -15.92 3.63
CA LEU B 128 18.57 -15.37 4.94
C LEU B 128 18.72 -16.52 5.92
N ALA B 129 19.89 -16.58 6.56
CA ALA B 129 20.30 -17.76 7.30
C ALA B 129 19.53 -17.86 8.62
N PRO B 130 19.16 -19.07 9.03
CA PRO B 130 18.45 -19.22 10.30
C PRO B 130 19.35 -18.94 11.49
N SER B 131 18.78 -18.19 12.46
CA SER B 131 19.14 -18.08 13.89
C SER B 131 19.23 -16.62 14.32
N THR B 139 10.91 -23.00 16.98
CA THR B 139 10.62 -22.39 15.69
C THR B 139 11.80 -21.57 15.18
N ALA B 140 12.31 -21.93 14.00
CA ALA B 140 13.40 -21.21 13.35
C ALA B 140 12.91 -20.59 12.05
N ALA B 141 13.40 -19.39 11.75
CA ALA B 141 13.03 -18.65 10.55
C ALA B 141 14.22 -18.55 9.61
N LEU B 142 13.97 -18.76 8.32
CA LEU B 142 14.98 -18.62 7.29
C LEU B 142 14.30 -18.19 6.00
N GLY B 143 15.11 -17.79 5.03
CA GLY B 143 14.52 -17.33 3.79
C GLY B 143 15.56 -16.99 2.75
N CYS B 144 15.08 -16.27 1.73
CA CYS B 144 15.88 -15.81 0.60
C CYS B 144 15.49 -14.38 0.29
N LEU B 145 16.49 -13.54 0.07
CA LEU B 145 16.30 -12.18 -0.39
C LEU B 145 16.48 -12.17 -1.91
N VAL B 146 15.46 -11.71 -2.63
CA VAL B 146 15.44 -11.73 -4.08
C VAL B 146 15.56 -10.28 -4.52
N LYS B 147 16.74 -9.84 -4.92
CA LYS B 147 17.04 -8.41 -4.97
C LYS B 147 17.37 -7.93 -6.38
N ASP B 148 16.85 -6.74 -6.72
CA ASP B 148 17.27 -5.95 -7.88
C ASP B 148 16.98 -6.66 -9.21
N TYR B 149 15.70 -6.91 -9.48
CA TYR B 149 15.28 -7.45 -10.76
C TYR B 149 14.28 -6.51 -11.43
N PHE B 150 14.02 -6.77 -12.72
CA PHE B 150 13.05 -5.99 -13.49
C PHE B 150 12.72 -6.73 -14.79
N PRO B 151 11.44 -6.82 -15.18
CA PRO B 151 10.20 -6.38 -14.52
C PRO B 151 9.61 -7.39 -13.55
N GLU B 152 8.39 -7.10 -13.06
CA GLU B 152 7.96 -7.58 -11.74
C GLU B 152 7.93 -9.09 -11.54
N PRO B 153 7.39 -9.93 -12.43
CA PRO B 153 7.13 -11.31 -12.02
C PRO B 153 8.37 -12.16 -11.70
N VAL B 154 8.60 -12.48 -10.43
CA VAL B 154 9.44 -13.62 -10.08
C VAL B 154 8.54 -14.65 -9.41
N THR B 155 8.86 -15.91 -9.62
CA THR B 155 8.27 -17.01 -8.87
C THR B 155 9.29 -17.56 -7.88
N VAL B 156 8.83 -17.80 -6.65
CA VAL B 156 9.67 -18.40 -5.62
C VAL B 156 8.98 -19.66 -5.13
N SER B 157 9.72 -20.76 -5.11
CA SER B 157 9.28 -21.98 -4.46
C SER B 157 10.38 -22.44 -3.51
N TRP B 158 10.04 -23.40 -2.65
CA TRP B 158 10.97 -23.96 -1.69
C TRP B 158 11.05 -25.47 -1.88
N ASN B 159 12.28 -25.98 -2.08
CA ASN B 159 12.52 -27.41 -2.29
C ASN B 159 11.71 -27.93 -3.48
N SER B 160 11.75 -27.17 -4.58
CA SER B 160 11.09 -27.55 -5.83
C SER B 160 9.58 -27.71 -5.67
N GLY B 161 8.97 -26.97 -4.74
CA GLY B 161 7.54 -27.02 -4.51
C GLY B 161 7.11 -27.91 -3.36
N ALA B 162 8.00 -28.77 -2.86
CA ALA B 162 7.62 -29.71 -1.82
C ALA B 162 7.24 -28.99 -0.53
N LEU B 163 7.92 -27.89 -0.21
CA LEU B 163 7.75 -27.17 1.05
C LEU B 163 6.83 -25.99 0.85
N THR B 164 5.64 -26.05 1.44
CA THR B 164 4.66 -24.98 1.25
C THR B 164 4.17 -24.39 2.56
N SER B 165 4.03 -25.18 3.62
CA SER B 165 3.49 -24.66 4.87
C SER B 165 4.54 -23.84 5.61
N GLY B 166 4.07 -22.77 6.25
CA GLY B 166 4.95 -21.80 6.88
C GLY B 166 5.62 -20.82 5.94
N VAL B 167 5.34 -20.89 4.64
CA VAL B 167 6.02 -20.06 3.64
C VAL B 167 5.28 -18.75 3.47
N HIS B 168 6.01 -17.65 3.61
CA HIS B 168 5.50 -16.30 3.35
C HIS B 168 6.40 -15.66 2.29
N THR B 169 5.85 -15.46 1.10
CA THR B 169 6.55 -14.76 0.03
C THR B 169 5.94 -13.37 -0.08
N PHE B 170 6.74 -12.34 0.22
CA PHE B 170 6.21 -10.98 0.38
C PHE B 170 6.04 -10.27 -0.97
N PRO B 171 5.05 -9.38 -1.07
CA PRO B 171 4.93 -8.57 -2.29
C PRO B 171 6.23 -7.84 -2.58
N ALA B 172 6.55 -7.71 -3.85
CA ALA B 172 7.76 -7.00 -4.22
C ALA B 172 7.59 -5.52 -3.94
N VAL B 173 8.70 -4.87 -3.61
CA VAL B 173 8.74 -3.43 -3.45
C VAL B 173 9.55 -2.86 -4.60
N LEU B 174 9.06 -1.78 -5.19
CA LEU B 174 9.81 -1.07 -6.23
C LEU B 174 10.71 -0.04 -5.54
N GLN B 175 12.00 -0.17 -5.76
CA GLN B 175 12.98 0.70 -5.10
C GLN B 175 13.19 1.96 -5.93
N SER B 176 13.89 2.92 -5.32
CA SER B 176 14.17 4.17 -6.04
C SER B 176 15.11 3.94 -7.20
N SER B 177 15.79 2.79 -7.23
CA SER B 177 16.59 2.41 -8.39
C SER B 177 15.73 2.10 -9.60
N GLY B 178 14.42 1.89 -9.41
CA GLY B 178 13.58 1.37 -10.46
C GLY B 178 13.59 -0.14 -10.56
N LEU B 179 14.19 -0.82 -9.60
CA LEU B 179 14.28 -2.26 -9.54
C LEU B 179 13.41 -2.79 -8.41
N TYR B 180 12.94 -4.04 -8.57
CA TYR B 180 12.15 -4.70 -7.54
C TYR B 180 13.04 -5.50 -6.61
N SER B 181 12.58 -5.62 -5.37
CA SER B 181 13.19 -6.50 -4.39
C SER B 181 12.08 -7.14 -3.56
N LEU B 182 12.37 -8.32 -3.03
CA LEU B 182 11.35 -9.19 -2.44
C LEU B 182 12.04 -10.18 -1.51
N SER B 183 11.35 -10.57 -0.44
CA SER B 183 11.82 -11.63 0.44
C SER B 183 10.80 -12.74 0.52
N SER B 184 11.29 -13.94 0.84
CA SER B 184 10.46 -15.14 1.00
C SER B 184 11.01 -15.93 2.17
N VAL B 185 10.18 -16.16 3.19
CA VAL B 185 10.64 -16.74 4.44
C VAL B 185 9.83 -17.99 4.76
N VAL B 186 10.45 -18.87 5.57
CA VAL B 186 9.81 -20.10 6.06
C VAL B 186 10.14 -20.28 7.53
N THR B 187 9.16 -20.73 8.30
CA THR B 187 9.37 -21.21 9.65
C THR B 187 9.40 -22.73 9.64
N VAL B 188 10.38 -23.30 10.34
CA VAL B 188 10.62 -24.74 10.32
C VAL B 188 10.96 -25.21 11.73
N PRO B 189 10.75 -26.49 12.04
CA PRO B 189 10.85 -26.97 13.43
C PRO B 189 12.30 -27.17 13.88
N SER B 190 13.12 -26.14 13.72
CA SER B 190 14.49 -26.10 14.25
C SER B 190 15.24 -27.42 13.95
N SER B 191 15.23 -27.82 12.68
CA SER B 191 15.86 -29.06 12.24
C SER B 191 17.10 -28.75 11.42
N SER B 192 18.23 -29.34 11.82
CA SER B 192 19.48 -29.24 11.07
C SER B 192 19.89 -27.79 10.87
N GLN B 196 16.66 -30.31 7.97
CA GLN B 196 16.92 -30.74 6.60
C GLN B 196 17.74 -29.73 5.83
N THR B 197 17.72 -29.86 4.50
CA THR B 197 18.27 -28.87 3.60
C THR B 197 17.13 -28.03 3.05
N TYR B 198 17.36 -26.73 2.93
CA TYR B 198 16.35 -25.77 2.52
C TYR B 198 16.87 -24.98 1.32
N ILE B 199 16.12 -25.02 0.23
CA ILE B 199 16.55 -24.40 -1.02
C ILE B 199 15.39 -23.59 -1.57
N CYS B 200 15.63 -22.32 -1.86
CA CYS B 200 14.63 -21.53 -2.56
C CYS B 200 14.94 -21.56 -4.05
N ASN B 201 13.89 -21.76 -4.85
CA ASN B 201 13.97 -21.79 -6.30
C ASN B 201 13.36 -20.50 -6.82
N VAL B 202 14.18 -19.70 -7.51
CA VAL B 202 13.75 -18.39 -8.00
C VAL B 202 13.80 -18.43 -9.52
N ASN B 203 12.68 -18.10 -10.15
CA ASN B 203 12.57 -18.07 -11.60
C ASN B 203 12.10 -16.69 -12.03
N HIS B 204 12.90 -16.05 -12.87
CA HIS B 204 12.55 -14.76 -13.46
C HIS B 204 12.55 -14.95 -14.97
N LYS B 205 11.35 -15.20 -15.52
CA LYS B 205 11.24 -15.49 -16.95
C LYS B 205 11.79 -14.41 -17.87
N PRO B 206 11.58 -13.11 -17.65
CA PRO B 206 12.03 -12.12 -18.64
C PRO B 206 13.54 -12.06 -18.84
N SER B 207 14.33 -12.44 -17.83
CA SER B 207 15.78 -12.50 -17.94
C SER B 207 16.29 -13.92 -18.15
N ASN B 208 15.40 -14.90 -18.26
CA ASN B 208 15.74 -16.32 -18.29
C ASN B 208 16.66 -16.69 -17.13
N THR B 209 16.28 -16.26 -15.93
CA THR B 209 17.05 -16.53 -14.72
C THR B 209 16.39 -17.66 -13.95
N LYS B 210 17.19 -18.68 -13.63
CA LYS B 210 16.79 -19.76 -12.73
C LYS B 210 17.93 -19.98 -11.74
N VAL B 211 17.67 -19.69 -10.48
CA VAL B 211 18.65 -19.83 -9.40
C VAL B 211 18.03 -20.67 -8.30
N ASP B 212 18.82 -21.61 -7.78
CA ASP B 212 18.47 -22.37 -6.59
C ASP B 212 19.54 -22.07 -5.53
N LYS B 213 19.11 -21.60 -4.37
CA LYS B 213 20.04 -21.17 -3.34
C LYS B 213 19.77 -22.01 -2.10
N LYS B 214 20.80 -22.72 -1.64
CA LYS B 214 20.73 -23.45 -0.39
C LYS B 214 20.83 -22.47 0.77
N VAL B 215 19.97 -22.62 1.76
CA VAL B 215 19.93 -21.73 2.92
C VAL B 215 20.26 -22.55 4.17
N GLU B 216 21.43 -22.32 4.74
CA GLU B 216 21.91 -23.08 5.89
C GLU B 216 22.51 -22.10 6.90
N PRO B 217 22.73 -22.54 8.14
CA PRO B 217 23.20 -21.60 9.17
C PRO B 217 24.57 -21.05 8.85
N LYS B 218 24.80 -19.81 9.27
CA LYS B 218 26.10 -19.18 9.13
C LYS B 218 27.13 -19.91 9.99
N SER B 219 28.30 -20.17 9.40
CA SER B 219 29.44 -20.71 10.13
C SER B 219 30.47 -19.59 10.33
N CYS B 220 30.91 -19.41 11.56
CA CYS B 220 31.77 -18.28 11.92
C CYS B 220 33.18 -18.44 11.36
N THR C 7 -28.70 16.21 -14.12
CA THR C 7 -27.30 15.96 -13.74
C THR C 7 -27.22 15.21 -12.41
N ALA C 8 -26.39 14.16 -12.40
CA ALA C 8 -26.14 13.42 -11.17
C ALA C 8 -25.42 14.32 -10.17
N PRO C 9 -25.88 14.39 -8.92
CA PRO C 9 -25.30 15.33 -7.97
C PRO C 9 -23.82 15.03 -7.72
N PRO C 10 -22.95 16.03 -7.85
CA PRO C 10 -21.52 15.81 -7.63
C PRO C 10 -21.16 15.73 -6.14
N ALA C 11 -19.94 15.23 -5.90
CA ALA C 11 -19.41 15.04 -4.55
C ALA C 11 -19.07 16.35 -3.82
N HIS C 12 -19.17 17.50 -4.48
CA HIS C 12 -19.02 18.79 -3.83
C HIS C 12 -20.00 19.76 -4.46
N GLY C 13 -20.31 20.83 -3.72
CA GLY C 13 -21.18 21.87 -4.22
C GLY C 13 -20.43 23.10 -4.71
#